data_3NME
#
_entry.id   3NME
#
_cell.length_a   59.408
_cell.length_b   73.943
_cell.length_c   162.382
_cell.angle_alpha   90.00
_cell.angle_beta   90.00
_cell.angle_gamma   90.00
#
_symmetry.space_group_name_H-M   'P 21 21 21'
#
loop_
_entity.id
_entity.type
_entity.pdbx_description
1 polymer 'SEX4 glucan phosphatase'
2 non-polymer 'PHOSPHATE ION'
3 water water
#
_entity_poly.entity_id   1
_entity_poly.type   'polypeptide(L)'
_entity_poly.pdbx_seq_one_letter_code
;GSH(MSE)YRHELG(MSE)NYNFIRPDLIVGSCLQTPEDVDKLRKIGVKTIFCLQQDPDLEYFGVDISSIQAYAKKYSDI
QHIRCEIRDFDAFDLR(MSE)RLPAVVGTLYKAVKRNGGVTYVHSTAG(MSE)GRAPAVALTY(MSE)FWVQGYKL
(MSE)EAHKLL(MSE)SKRSCFPKLDAIRNATIDILTGLKRKTVTLTLKDKGFSRVEISGLDIGWGQRIPLTLGKGTGFW
ILKRELPEGQFEYKYIIDGEWTHNEAEPFIGPNKDGHTNNYAKVVDDPTSVDGTTRERLSSEDPELLEEERSKLIQFLET
CSEAEV
;
_entity_poly.pdbx_strand_id   A,B
#
loop_
_chem_comp.id
_chem_comp.type
_chem_comp.name
_chem_comp.formula
PO4 non-polymer 'PHOSPHATE ION' 'O4 P -3'
#
# COMPACT_ATOMS: atom_id res chain seq x y z
N TYR A 5 1.49 4.63 5.22
CA TYR A 5 0.92 4.66 6.60
C TYR A 5 0.81 6.09 7.13
N ARG A 6 -0.39 6.45 7.58
CA ARG A 6 -0.63 7.75 8.20
C ARG A 6 -0.91 7.64 9.70
N HIS A 7 0.16 7.82 10.49
CA HIS A 7 0.14 7.68 11.94
C HIS A 7 -0.72 8.75 12.63
N GLU A 8 -0.76 9.94 12.02
CA GLU A 8 -1.49 11.09 12.56
C GLU A 8 -3.00 10.84 12.69
N LEU A 9 -3.52 9.96 11.85
CA LEU A 9 -4.95 9.63 11.86
C LEU A 9 -5.34 8.68 12.99
N GLY A 10 -4.35 8.24 13.76
CA GLY A 10 -4.59 7.37 14.91
C GLY A 10 -4.76 5.91 14.51
N MSE A 11 -5.04 5.08 15.51
CA MSE A 11 -5.17 3.63 15.30
C MSE A 11 -6.27 3.31 14.30
O MSE A 11 -7.40 3.80 14.41
CB MSE A 11 -5.45 2.93 16.64
CG MSE A 11 -5.39 1.41 16.57
SE MSE A 11 -5.90 0.53 18.26
CE MSE A 11 -7.70 1.26 18.46
N ASN A 12 -5.92 2.48 13.31
CA ASN A 12 -6.88 1.98 12.33
C ASN A 12 -6.91 0.45 12.32
N TYR A 13 -8.09 -0.12 12.07
CA TYR A 13 -8.26 -1.57 12.08
C TYR A 13 -9.44 -2.05 11.23
N ASN A 14 -9.45 -3.36 10.94
CA ASN A 14 -10.52 -3.99 10.18
C ASN A 14 -10.88 -5.35 10.75
N PHE A 15 -12.16 -5.58 10.96
CA PHE A 15 -12.66 -6.92 11.23
C PHE A 15 -12.50 -7.75 9.97
N ILE A 16 -11.80 -8.87 10.08
CA ILE A 16 -11.68 -9.81 8.97
C ILE A 16 -12.74 -10.91 9.21
N ARG A 17 -12.70 -11.47 10.41
CA ARG A 17 -13.76 -12.34 10.93
C ARG A 17 -14.33 -11.65 12.17
N PRO A 18 -15.53 -12.07 12.62
CA PRO A 18 -16.11 -11.48 13.83
C PRO A 18 -15.21 -11.57 15.06
N ASP A 19 -14.25 -12.50 15.04
CA ASP A 19 -13.32 -12.68 16.17
C ASP A 19 -11.86 -12.34 15.85
N LEU A 20 -11.60 -11.85 14.64
CA LEU A 20 -10.24 -11.55 14.21
C LEU A 20 -10.12 -10.16 13.58
N ILE A 21 -9.31 -9.32 14.20
CA ILE A 21 -9.02 -7.98 13.68
C ILE A 21 -7.57 -7.87 13.24
N VAL A 22 -7.36 -7.22 12.10
CA VAL A 22 -6.03 -6.83 11.63
C VAL A 22 -5.96 -5.31 11.69
N GLY A 23 -5.02 -4.78 12.47
CA GLY A 23 -4.92 -3.34 12.63
C GLY A 23 -3.51 -2.77 12.71
N SER A 24 -3.43 -1.45 12.84
CA SER A 24 -2.17 -0.76 13.06
C SER A 24 -1.90 -0.65 14.56
N CYS A 25 -0.73 -0.14 14.92
CA CYS A 25 -0.29 -0.10 16.31
C CYS A 25 -1.17 0.77 17.22
N LEU A 26 -1.21 0.38 18.49
CA LEU A 26 -1.75 1.23 19.54
C LEU A 26 -0.76 2.38 19.76
N GLN A 27 -1.28 3.59 19.90
CA GLN A 27 -0.42 4.77 20.03
C GLN A 27 -0.41 5.32 21.44
N THR A 28 -1.53 5.15 22.14
CA THR A 28 -1.70 5.61 23.52
C THR A 28 -2.36 4.52 24.36
N PRO A 29 -2.17 4.57 25.68
CA PRO A 29 -2.91 3.69 26.60
C PRO A 29 -4.43 3.75 26.41
N GLU A 30 -4.95 4.91 25.99
CA GLU A 30 -6.37 5.09 25.70
C GLU A 30 -6.91 4.13 24.64
N ASP A 31 -6.04 3.72 23.71
CA ASP A 31 -6.40 2.81 22.64
C ASP A 31 -6.77 1.41 23.14
N VAL A 32 -6.31 1.06 24.36
CA VAL A 32 -6.69 -0.20 25.00
C VAL A 32 -8.20 -0.17 25.32
N ASP A 33 -8.67 0.97 25.82
CA ASP A 33 -10.08 1.18 26.09
C ASP A 33 -10.94 1.08 24.83
N LYS A 34 -10.43 1.66 23.74
CA LYS A 34 -11.06 1.55 22.41
C LYS A 34 -11.32 0.09 22.05
N LEU A 35 -10.30 -0.74 22.25
CA LEU A 35 -10.36 -2.16 21.90
C LEU A 35 -11.18 -2.98 22.88
N ARG A 36 -11.18 -2.56 24.15
CA ARG A 36 -12.00 -3.21 25.19
C ARG A 36 -13.49 -3.00 24.90
N LYS A 37 -13.82 -1.86 24.31
CA LYS A 37 -15.18 -1.51 23.92
C LYS A 37 -15.79 -2.48 22.91
N ILE A 38 -14.96 -2.96 21.98
CA ILE A 38 -15.41 -3.88 20.93
C ILE A 38 -15.12 -5.35 21.23
N GLY A 39 -14.83 -5.65 22.49
CA GLY A 39 -14.69 -7.03 22.98
C GLY A 39 -13.36 -7.72 22.72
N VAL A 40 -12.29 -6.94 22.54
CA VAL A 40 -10.96 -7.51 22.33
C VAL A 40 -10.42 -8.07 23.64
N LYS A 41 -9.95 -9.32 23.60
CA LYS A 41 -9.40 -9.98 24.78
C LYS A 41 -7.90 -10.32 24.65
N THR A 42 -7.38 -10.18 23.43
CA THR A 42 -5.96 -10.38 23.17
C THR A 42 -5.43 -9.31 22.23
N ILE A 43 -4.49 -8.51 22.71
CA ILE A 43 -3.74 -7.61 21.83
C ILE A 43 -2.44 -8.32 21.48
N PHE A 44 -2.26 -8.61 20.20
CA PHE A 44 -1.10 -9.36 19.74
C PHE A 44 -0.18 -8.44 18.94
N CYS A 45 0.89 -7.99 19.61
CA CYS A 45 1.80 -6.98 19.06
C CYS A 45 3.04 -7.60 18.41
N LEU A 46 3.24 -7.26 17.14
CA LEU A 46 4.31 -7.86 16.34
C LEU A 46 5.49 -6.90 16.12
N GLN A 47 5.40 -5.70 16.69
CA GLN A 47 6.38 -4.64 16.49
C GLN A 47 7.67 -4.87 17.26
N GLN A 48 8.76 -4.38 16.70
CA GLN A 48 10.03 -4.30 17.40
C GLN A 48 10.20 -2.90 17.99
N ASP A 49 11.11 -2.76 18.95
CA ASP A 49 11.35 -1.48 19.62
C ASP A 49 11.75 -0.31 18.71
N PRO A 50 12.54 -0.57 17.64
CA PRO A 50 12.83 0.53 16.70
C PRO A 50 11.60 1.02 15.93
N ASP A 51 10.62 0.16 15.73
CA ASP A 51 9.36 0.56 15.10
C ASP A 51 8.63 1.55 16.00
N LEU A 52 8.63 1.27 17.30
CA LEU A 52 7.92 2.06 18.29
C LEU A 52 8.60 3.40 18.55
N GLU A 53 9.93 3.35 18.70
CA GLU A 53 10.73 4.54 18.97
C GLU A 53 10.71 5.56 17.83
N TYR A 54 10.54 5.07 16.61
CA TYR A 54 10.44 5.93 15.42
C TYR A 54 9.19 6.82 15.47
N PHE A 55 8.07 6.24 15.91
CA PHE A 55 6.79 6.95 16.00
C PHE A 55 6.52 7.53 17.39
N GLY A 56 7.50 7.43 18.28
CA GLY A 56 7.40 7.96 19.65
C GLY A 56 6.32 7.31 20.50
N VAL A 57 6.16 5.99 20.33
CA VAL A 57 5.16 5.24 21.08
C VAL A 57 5.76 4.64 22.35
N ASP A 58 5.11 4.92 23.48
CA ASP A 58 5.53 4.39 24.78
C ASP A 58 4.82 3.06 25.04
N ILE A 59 5.47 1.97 24.64
CA ILE A 59 4.89 0.62 24.76
C ILE A 59 4.74 0.16 26.21
N SER A 60 5.67 0.57 27.06
CA SER A 60 5.66 0.23 28.48
C SER A 60 4.39 0.70 29.18
N SER A 61 3.95 1.91 28.82
CA SER A 61 2.72 2.49 29.38
C SER A 61 1.48 1.75 28.88
N ILE A 62 1.53 1.32 27.62
CA ILE A 62 0.46 0.54 27.01
C ILE A 62 0.36 -0.85 27.65
N GLN A 63 1.52 -1.48 27.87
CA GLN A 63 1.58 -2.77 28.56
C GLN A 63 1.10 -2.68 30.01
N ALA A 64 1.52 -1.63 30.70
CA ALA A 64 1.14 -1.40 32.10
C ALA A 64 -0.37 -1.19 32.26
N TYR A 65 -0.96 -0.40 31.37
CA TYR A 65 -2.39 -0.11 31.37
C TYR A 65 -3.22 -1.35 31.04
N ALA A 66 -2.72 -2.19 30.14
CA ALA A 66 -3.39 -3.44 29.77
C ALA A 66 -3.33 -4.46 30.91
N LYS A 67 -2.23 -4.45 31.66
CA LYS A 67 -2.04 -5.34 32.80
C LYS A 67 -3.04 -5.06 33.92
N LYS A 68 -3.50 -3.82 34.01
CA LYS A 68 -4.52 -3.41 34.98
C LYS A 68 -5.88 -4.08 34.77
N TYR A 69 -6.18 -4.46 33.53
CA TYR A 69 -7.45 -5.09 33.19
C TYR A 69 -7.30 -6.58 32.93
N SER A 70 -8.02 -7.38 33.71
CA SER A 70 -7.98 -8.85 33.61
C SER A 70 -8.64 -9.38 32.33
N ASP A 71 -9.57 -8.63 31.77
CA ASP A 71 -10.32 -9.07 30.58
C ASP A 71 -9.56 -8.91 29.26
N ILE A 72 -8.45 -8.18 29.29
CA ILE A 72 -7.63 -7.98 28.10
C ILE A 72 -6.15 -8.19 28.38
N GLN A 73 -5.49 -8.97 27.52
CA GLN A 73 -4.07 -9.29 27.67
C GLN A 73 -3.29 -8.72 26.49
N HIS A 74 -2.08 -8.25 26.77
CA HIS A 74 -1.19 -7.71 25.75
C HIS A 74 0.02 -8.63 25.59
N ILE A 75 0.20 -9.18 24.40
CA ILE A 75 1.33 -10.07 24.10
C ILE A 75 2.26 -9.47 23.04
N ARG A 76 3.56 -9.48 23.34
CA ARG A 76 4.60 -9.08 22.40
C ARG A 76 5.30 -10.30 21.81
N CYS A 77 5.20 -10.45 20.49
CA CYS A 77 5.85 -11.53 19.76
C CYS A 77 6.37 -10.96 18.45
N GLU A 78 7.64 -10.55 18.45
CA GLU A 78 8.20 -9.67 17.43
C GLU A 78 8.50 -10.35 16.09
N ILE A 79 8.32 -9.58 15.01
CA ILE A 79 8.82 -9.91 13.68
C ILE A 79 9.46 -8.64 13.09
N ARG A 80 10.61 -8.78 12.46
CA ARG A 80 11.28 -7.65 11.79
C ARG A 80 10.39 -7.01 10.73
N ASP A 81 10.36 -5.68 10.73
CA ASP A 81 9.63 -4.92 9.71
C ASP A 81 10.39 -4.99 8.39
N PHE A 82 9.66 -5.06 7.28
CA PHE A 82 10.24 -4.98 5.94
C PHE A 82 11.28 -6.09 5.70
N ASP A 83 10.98 -7.28 6.21
CA ASP A 83 11.86 -8.44 6.08
C ASP A 83 10.99 -9.66 5.79
N ALA A 84 10.91 -10.03 4.52
CA ALA A 84 10.04 -11.12 4.08
C ALA A 84 10.58 -12.49 4.49
N PHE A 85 11.90 -12.58 4.63
CA PHE A 85 12.54 -13.82 5.07
C PHE A 85 12.35 -14.05 6.56
N ASP A 86 12.55 -13.02 7.37
CA ASP A 86 12.31 -13.11 8.81
C ASP A 86 10.86 -13.50 9.09
N LEU A 87 9.95 -12.88 8.33
CA LEU A 87 8.52 -13.22 8.39
C LEU A 87 8.32 -14.72 8.19
N ARG A 88 8.94 -15.26 7.14
CA ARG A 88 8.92 -16.70 6.84
C ARG A 88 9.46 -17.54 8.00
N MSE A 89 10.57 -17.11 8.59
CA MSE A 89 11.21 -17.83 9.70
C MSE A 89 10.39 -17.80 10.99
O MSE A 89 10.39 -18.76 11.75
CB MSE A 89 12.60 -17.26 9.99
CG MSE A 89 13.59 -17.38 8.85
SE MSE A 89 13.95 -19.23 8.36
CE MSE A 89 15.08 -19.72 9.88
N ARG A 90 9.70 -16.68 11.22
CA ARG A 90 9.04 -16.43 12.50
C ARG A 90 7.62 -16.98 12.62
N LEU A 91 6.98 -17.22 11.47
CA LEU A 91 5.58 -17.66 11.44
C LEU A 91 5.23 -18.87 12.33
N PRO A 92 6.01 -19.97 12.26
CA PRO A 92 5.68 -21.13 13.11
C PRO A 92 5.56 -20.78 14.59
N ALA A 93 6.54 -20.04 15.12
CA ALA A 93 6.56 -19.65 16.54
C ALA A 93 5.53 -18.59 16.85
N VAL A 94 5.36 -17.64 15.93
CA VAL A 94 4.42 -16.54 16.10
C VAL A 94 2.97 -17.04 16.06
N VAL A 95 2.63 -17.82 15.05
CA VAL A 95 1.27 -18.35 14.93
C VAL A 95 0.96 -19.33 16.07
N GLY A 96 1.97 -20.08 16.48
CA GLY A 96 1.87 -20.98 17.63
C GLY A 96 1.60 -20.26 18.94
N THR A 97 2.26 -19.11 19.12
CA THR A 97 2.05 -18.26 20.30
C THR A 97 0.67 -17.64 20.24
N LEU A 98 0.26 -17.22 19.05
CA LEU A 98 -1.06 -16.66 18.79
C LEU A 98 -2.14 -17.67 19.11
N TYR A 99 -1.95 -18.90 18.62
CA TYR A 99 -2.93 -19.98 18.77
C TYR A 99 -3.24 -20.32 20.23
N LYS A 100 -2.20 -20.45 21.04
CA LYS A 100 -2.35 -20.75 22.48
C LYS A 100 -3.12 -19.67 23.22
N ALA A 101 -2.84 -18.41 22.89
CA ALA A 101 -3.48 -17.28 23.55
C ALA A 101 -4.97 -17.20 23.23
N VAL A 102 -5.32 -17.35 21.96
CA VAL A 102 -6.71 -17.28 21.51
C VAL A 102 -7.56 -18.39 22.12
N LYS A 103 -7.02 -19.60 22.12
CA LYS A 103 -7.70 -20.76 22.69
C LYS A 103 -8.03 -20.55 24.17
N ARG A 104 -7.10 -19.91 24.89
CA ARG A 104 -7.30 -19.60 26.29
C ARG A 104 -8.21 -18.39 26.52
N ASN A 105 -7.92 -17.29 25.83
CA ASN A 105 -8.60 -16.02 26.09
C ASN A 105 -9.99 -15.90 25.45
N GLY A 106 -10.15 -16.47 24.26
CA GLY A 106 -11.38 -16.36 23.50
C GLY A 106 -11.69 -14.92 23.12
N GLY A 107 -12.96 -14.63 22.86
CA GLY A 107 -13.40 -13.30 22.47
C GLY A 107 -12.78 -12.84 21.16
N VAL A 108 -12.53 -11.54 21.06
CA VAL A 108 -11.95 -10.96 19.85
C VAL A 108 -10.44 -10.79 20.01
N THR A 109 -9.70 -11.14 18.96
CA THR A 109 -8.25 -11.06 18.93
C THR A 109 -7.82 -9.92 18.03
N TYR A 110 -6.89 -9.09 18.52
CA TYR A 110 -6.38 -7.94 17.77
C TYR A 110 -4.93 -8.17 17.34
N VAL A 111 -4.74 -8.51 16.06
CA VAL A 111 -3.39 -8.74 15.52
C VAL A 111 -2.92 -7.46 14.86
N HIS A 112 -1.77 -6.95 15.32
CA HIS A 112 -1.26 -5.70 14.78
C HIS A 112 0.26 -5.62 14.66
N SER A 113 0.70 -4.83 13.68
CA SER A 113 2.10 -4.43 13.55
C SER A 113 2.15 -2.90 13.61
N THR A 114 3.02 -2.26 12.84
CA THR A 114 3.10 -0.80 12.84
C THR A 114 1.99 -0.19 12.00
N ALA A 115 1.90 -0.61 10.75
CA ALA A 115 0.90 -0.12 9.81
C ALA A 115 -0.26 -1.09 9.67
N GLY A 116 0.00 -2.37 9.95
CA GLY A 116 -0.98 -3.42 9.74
C GLY A 116 -1.24 -3.63 8.25
N MSE A 117 -0.19 -3.45 7.45
CA MSE A 117 -0.27 -3.68 6.01
C MSE A 117 0.72 -4.74 5.51
O MSE A 117 0.66 -5.16 4.35
CB MSE A 117 -0.11 -2.35 5.25
CG MSE A 117 -1.30 -1.42 5.42
SE MSE A 117 -1.30 0.11 4.22
CE MSE A 117 0.24 1.09 4.91
N GLY A 118 1.61 -5.18 6.39
CA GLY A 118 2.59 -6.20 6.06
C GLY A 118 2.56 -7.39 6.99
N ARG A 119 3.12 -7.22 8.18
CA ARG A 119 3.25 -8.31 9.15
C ARG A 119 1.91 -8.81 9.68
N ALA A 120 1.09 -7.88 10.15
CA ALA A 120 -0.20 -8.23 10.75
C ALA A 120 -1.13 -9.02 9.81
N PRO A 121 -1.32 -8.55 8.56
CA PRO A 121 -2.18 -9.32 7.64
C PRO A 121 -1.60 -10.70 7.32
N ALA A 122 -0.28 -10.78 7.13
CA ALA A 122 0.40 -12.05 6.88
C ALA A 122 0.17 -13.06 8.01
N VAL A 123 0.28 -12.58 9.26
CA VAL A 123 0.10 -13.44 10.43
C VAL A 123 -1.35 -13.91 10.59
N ALA A 124 -2.29 -12.97 10.45
CA ALA A 124 -3.72 -13.30 10.50
C ALA A 124 -4.09 -14.30 9.41
N LEU A 125 -3.63 -14.03 8.17
CA LEU A 125 -3.83 -14.92 7.03
C LEU A 125 -3.29 -16.34 7.32
N THR A 126 -2.05 -16.39 7.82
CA THR A 126 -1.41 -17.66 8.18
C THR A 126 -2.20 -18.38 9.26
N TYR A 127 -2.67 -17.63 10.25
CA TYR A 127 -3.49 -18.15 11.33
C TYR A 127 -4.80 -18.76 10.80
N MSE A 128 -5.47 -18.05 9.90
CA MSE A 128 -6.69 -18.55 9.27
C MSE A 128 -6.41 -19.82 8.46
O MSE A 128 -7.19 -20.76 8.49
CB MSE A 128 -7.32 -17.50 8.35
CG MSE A 128 -7.89 -16.29 9.08
SE MSE A 128 -8.20 -14.79 7.84
CE MSE A 128 -9.80 -15.46 6.95
N PHE A 129 -5.27 -19.82 7.75
CA PHE A 129 -4.86 -20.93 6.90
C PHE A 129 -4.46 -22.16 7.71
N TRP A 130 -3.47 -22.00 8.59
CA TRP A 130 -2.96 -23.11 9.38
C TRP A 130 -3.93 -23.64 10.44
N VAL A 131 -4.57 -22.73 11.18
CA VAL A 131 -5.34 -23.09 12.37
C VAL A 131 -6.84 -23.29 12.09
N GLN A 132 -7.46 -22.29 11.45
CA GLN A 132 -8.92 -22.26 11.29
C GLN A 132 -9.45 -23.08 10.11
N GLY A 133 -8.55 -23.71 9.35
CA GLY A 133 -8.95 -24.65 8.30
C GLY A 133 -9.41 -24.01 7.00
N TYR A 134 -9.03 -22.75 6.80
CA TYR A 134 -9.26 -22.05 5.54
C TYR A 134 -8.29 -22.57 4.48
N LYS A 135 -8.71 -22.50 3.22
CA LYS A 135 -7.77 -22.59 2.10
C LYS A 135 -7.05 -21.24 2.04
N LEU A 136 -5.78 -21.25 1.67
CA LEU A 136 -4.95 -20.04 1.68
C LEU A 136 -5.57 -18.91 0.88
N MSE A 137 -5.96 -19.21 -0.36
CA MSE A 137 -6.47 -18.19 -1.28
C MSE A 137 -7.88 -17.71 -0.94
O MSE A 137 -8.21 -16.56 -1.21
CB MSE A 137 -6.38 -18.67 -2.74
CG MSE A 137 -4.94 -18.89 -3.22
SE MSE A 137 -3.70 -17.41 -2.85
CE MSE A 137 -4.51 -16.04 -3.99
N GLU A 138 -8.69 -18.58 -0.33
CA GLU A 138 -10.01 -18.18 0.15
C GLU A 138 -9.87 -17.16 1.28
N ALA A 139 -9.00 -17.45 2.24
CA ALA A 139 -8.70 -16.54 3.33
C ALA A 139 -8.12 -15.22 2.82
N HIS A 140 -7.25 -15.31 1.81
CA HIS A 140 -6.64 -14.14 1.20
C HIS A 140 -7.69 -13.23 0.56
N LYS A 141 -8.61 -13.83 -0.18
CA LYS A 141 -9.68 -13.08 -0.85
C LYS A 141 -10.57 -12.34 0.14
N LEU A 142 -10.85 -12.98 1.28
CA LEU A 142 -11.61 -12.35 2.34
C LEU A 142 -10.86 -11.16 2.91
N LEU A 143 -9.59 -11.36 3.23
CA LEU A 143 -8.72 -10.33 3.80
C LEU A 143 -8.62 -9.09 2.90
N MSE A 144 -8.41 -9.31 1.60
CA MSE A 144 -8.28 -8.22 0.63
C MSE A 144 -9.57 -7.43 0.41
O MSE A 144 -9.51 -6.26 0.03
CB MSE A 144 -7.74 -8.75 -0.70
CG MSE A 144 -6.37 -9.42 -0.60
SE MSE A 144 -4.99 -8.25 0.12
CE MSE A 144 -4.60 -7.26 -1.52
N SER A 145 -10.71 -8.07 0.61
CA SER A 145 -12.00 -7.41 0.46
C SER A 145 -12.34 -6.53 1.65
N LYS A 146 -11.58 -6.71 2.74
CA LYS A 146 -11.78 -5.95 3.98
C LYS A 146 -10.75 -4.82 4.09
N ARG A 147 -9.48 -5.15 3.86
CA ARG A 147 -8.39 -4.22 4.12
C ARG A 147 -7.38 -4.19 2.98
N SER A 148 -6.98 -2.98 2.60
CA SER A 148 -5.89 -2.76 1.66
C SER A 148 -4.56 -3.08 2.33
N CYS A 149 -3.83 -4.06 1.80
CA CYS A 149 -2.54 -4.46 2.35
C CYS A 149 -1.68 -5.26 1.37
N PHE A 150 -0.41 -5.45 1.69
CA PHE A 150 0.46 -6.33 0.92
C PHE A 150 0.98 -7.48 1.78
N PRO A 151 0.17 -8.54 1.94
CA PRO A 151 0.73 -9.74 2.58
C PRO A 151 1.65 -10.45 1.61
N LYS A 152 2.70 -11.09 2.15
CA LYS A 152 3.61 -11.87 1.33
C LYS A 152 3.15 -13.32 1.27
N LEU A 153 2.35 -13.64 0.25
CA LEU A 153 1.88 -15.00 -0.01
C LEU A 153 3.02 -15.99 -0.17
N ASP A 154 4.13 -15.53 -0.77
CA ASP A 154 5.34 -16.31 -0.96
C ASP A 154 5.96 -16.75 0.38
N ALA A 155 5.93 -15.83 1.35
CA ALA A 155 6.46 -16.12 2.69
C ALA A 155 5.61 -17.16 3.43
N ILE A 156 4.29 -17.08 3.25
CA ILE A 156 3.37 -18.01 3.89
C ILE A 156 3.47 -19.40 3.26
N ARG A 157 3.51 -19.45 1.93
CA ARG A 157 3.65 -20.70 1.19
C ARG A 157 4.92 -21.44 1.60
N ASN A 158 6.02 -20.70 1.68
CA ASN A 158 7.32 -21.26 2.01
C ASN A 158 7.43 -21.74 3.45
N ALA A 159 6.81 -21.01 4.37
CA ALA A 159 6.78 -21.40 5.78
C ALA A 159 5.98 -22.69 5.98
N THR A 160 4.92 -22.86 5.19
CA THR A 160 4.11 -24.08 5.20
C THR A 160 4.97 -25.28 4.79
N ILE A 161 5.74 -25.11 3.72
CA ILE A 161 6.65 -26.15 3.24
C ILE A 161 7.77 -26.40 4.26
N ASP A 162 8.31 -25.32 4.82
CA ASP A 162 9.34 -25.40 5.88
C ASP A 162 8.94 -26.31 7.03
N ILE A 163 7.72 -26.14 7.53
CA ILE A 163 7.24 -26.93 8.67
C ILE A 163 6.98 -28.37 8.26
N LEU A 164 6.28 -28.54 7.14
CA LEU A 164 5.81 -29.86 6.73
C LEU A 164 6.90 -30.79 6.18
N THR A 165 7.89 -30.22 5.49
CA THR A 165 8.96 -31.03 4.90
C THR A 165 10.39 -30.63 5.30
N GLY A 166 10.52 -29.69 6.23
CA GLY A 166 11.81 -29.34 6.80
C GLY A 166 12.52 -28.19 6.12
N LEU A 167 13.28 -27.43 6.92
CA LEU A 167 14.09 -26.34 6.41
C LEU A 167 15.50 -26.86 6.10
N LYS A 168 15.82 -26.95 4.82
CA LYS A 168 17.12 -27.46 4.38
C LYS A 168 17.83 -26.41 3.54
N ARG A 169 18.98 -25.97 3.99
CA ARG A 169 19.73 -24.92 3.30
C ARG A 169 20.76 -25.50 2.35
N LYS A 170 20.95 -24.85 1.21
CA LYS A 170 21.96 -25.23 0.24
C LYS A 170 22.82 -24.04 -0.12
N THR A 171 24.08 -24.30 -0.48
CA THR A 171 25.02 -23.24 -0.82
C THR A 171 24.69 -22.65 -2.19
N VAL A 172 24.39 -21.36 -2.22
CA VAL A 172 24.28 -20.65 -3.50
C VAL A 172 25.46 -19.70 -3.69
N THR A 173 25.97 -19.66 -4.91
CA THR A 173 27.11 -18.82 -5.27
C THR A 173 26.66 -17.70 -6.19
N LEU A 174 26.87 -16.47 -5.77
CA LEU A 174 26.54 -15.30 -6.58
C LEU A 174 27.82 -14.62 -7.02
N THR A 175 27.93 -14.33 -8.32
CA THR A 175 29.16 -13.75 -8.85
C THR A 175 28.93 -12.48 -9.67
N LEU A 176 29.91 -11.59 -9.62
CA LEU A 176 29.87 -10.33 -10.35
C LEU A 176 31.25 -10.02 -10.90
N LYS A 177 31.34 -9.89 -12.21
CA LYS A 177 32.60 -9.59 -12.90
C LYS A 177 33.09 -8.18 -12.54
N ASP A 178 34.36 -8.10 -12.15
CA ASP A 178 34.96 -6.83 -11.76
C ASP A 178 35.28 -5.96 -12.97
N LYS A 179 34.93 -4.68 -12.87
CA LYS A 179 35.25 -3.69 -13.90
C LYS A 179 35.84 -2.42 -13.25
N GLY A 180 36.87 -2.62 -12.43
CA GLY A 180 37.50 -1.53 -11.71
C GLY A 180 36.75 -1.11 -10.44
N PHE A 181 35.93 -2.01 -9.91
CA PHE A 181 35.15 -1.73 -8.70
C PHE A 181 36.02 -1.80 -7.44
N SER A 182 35.58 -1.14 -6.38
CA SER A 182 36.29 -1.15 -5.11
C SER A 182 35.42 -1.71 -3.98
N ARG A 183 34.11 -1.48 -4.06
CA ARG A 183 33.15 -1.92 -3.06
C ARG A 183 31.97 -2.59 -3.75
N VAL A 184 31.73 -3.85 -3.42
CA VAL A 184 30.60 -4.60 -3.96
C VAL A 184 29.87 -5.30 -2.82
N GLU A 185 28.58 -5.00 -2.68
CA GLU A 185 27.74 -5.64 -1.68
C GLU A 185 26.40 -6.12 -2.26
N ILE A 186 25.71 -6.96 -1.49
CA ILE A 186 24.41 -7.48 -1.88
C ILE A 186 23.35 -7.18 -0.81
N SER A 187 22.18 -6.74 -1.27
CA SER A 187 21.02 -6.55 -0.42
C SER A 187 19.94 -7.51 -0.89
N GLY A 188 18.94 -7.75 -0.05
CA GLY A 188 17.90 -8.72 -0.36
C GLY A 188 18.23 -10.08 0.21
N LEU A 189 18.14 -11.11 -0.62
CA LEU A 189 18.34 -12.51 -0.18
C LEU A 189 17.59 -12.80 1.13
N ASP A 190 18.32 -13.31 2.13
CA ASP A 190 17.74 -13.64 3.44
C ASP A 190 17.89 -12.54 4.49
N ILE A 191 18.49 -11.41 4.12
CA ILE A 191 18.76 -10.33 5.07
C ILE A 191 17.82 -9.11 4.98
N GLY A 192 17.07 -9.00 3.88
CA GLY A 192 16.16 -7.88 3.66
C GLY A 192 16.83 -6.74 2.91
N TRP A 193 16.01 -5.75 2.52
CA TRP A 193 16.46 -4.63 1.71
C TRP A 193 17.08 -3.48 2.51
N GLY A 194 17.02 -3.59 3.85
CA GLY A 194 17.65 -2.60 4.72
C GLY A 194 19.02 -3.03 5.18
N GLN A 195 19.46 -4.19 4.72
CA GLN A 195 20.78 -4.72 5.09
C GLN A 195 21.61 -5.03 3.86
N ARG A 196 22.92 -5.14 4.04
CA ARG A 196 23.82 -5.51 2.95
C ARG A 196 25.02 -6.32 3.43
N ILE A 197 25.46 -7.26 2.59
CA ILE A 197 26.61 -8.11 2.88
C ILE A 197 27.70 -7.83 1.86
N PRO A 198 28.97 -7.78 2.30
CA PRO A 198 30.05 -7.53 1.35
C PRO A 198 30.52 -8.77 0.60
N LEU A 199 30.78 -8.62 -0.70
CA LEU A 199 31.40 -9.69 -1.47
C LEU A 199 32.92 -9.59 -1.39
N THR A 200 33.59 -10.68 -1.74
CA THR A 200 35.05 -10.71 -1.81
C THR A 200 35.51 -10.88 -3.26
N LEU A 201 36.54 -10.14 -3.65
CA LEU A 201 37.12 -10.24 -4.98
C LEU A 201 38.09 -11.42 -5.05
N GLY A 202 37.86 -12.32 -6.00
CA GLY A 202 38.78 -13.41 -6.26
C GLY A 202 39.99 -12.91 -7.04
N LYS A 203 41.17 -13.17 -6.49
CA LYS A 203 42.44 -12.72 -7.10
C LYS A 203 42.68 -13.39 -8.45
N GLY A 204 42.33 -14.67 -8.54
CA GLY A 204 42.51 -15.44 -9.76
C GLY A 204 41.46 -15.17 -10.82
N THR A 205 40.19 -15.18 -10.42
CA THR A 205 39.07 -15.09 -11.37
C THR A 205 38.73 -13.66 -11.82
N GLY A 206 38.98 -12.67 -10.97
CA GLY A 206 38.57 -11.29 -11.23
C GLY A 206 37.06 -11.12 -11.11
N PHE A 207 36.46 -11.98 -10.29
CA PHE A 207 35.03 -11.94 -10.00
C PHE A 207 34.80 -11.70 -8.51
N TRP A 208 33.82 -10.85 -8.20
CA TRP A 208 33.35 -10.71 -6.84
C TRP A 208 32.43 -11.89 -6.52
N ILE A 209 32.64 -12.51 -5.36
CA ILE A 209 31.94 -13.75 -5.00
C ILE A 209 31.20 -13.62 -3.67
N LEU A 210 30.02 -14.24 -3.61
CA LEU A 210 29.27 -14.39 -2.37
C LEU A 210 28.78 -15.83 -2.27
N LYS A 211 29.05 -16.47 -1.13
CA LYS A 211 28.53 -17.79 -0.83
C LYS A 211 27.48 -17.65 0.26
N ARG A 212 26.30 -18.18 0.03
CA ARG A 212 25.19 -18.04 0.97
C ARG A 212 24.43 -19.36 1.14
N GLU A 213 24.14 -19.70 2.40
CA GLU A 213 23.32 -20.87 2.71
C GLU A 213 21.85 -20.48 2.71
N LEU A 214 21.07 -21.09 1.82
CA LEU A 214 19.67 -20.71 1.64
C LEU A 214 18.74 -21.91 1.54
N PRO A 215 17.55 -21.81 2.16
CA PRO A 215 16.52 -22.85 2.05
C PRO A 215 15.79 -22.78 0.71
N GLU A 216 14.88 -23.72 0.45
CA GLU A 216 14.06 -23.69 -0.77
C GLU A 216 13.31 -22.38 -0.92
N GLY A 217 13.30 -21.86 -2.15
CA GLY A 217 12.56 -20.64 -2.47
C GLY A 217 13.21 -19.83 -3.57
N GLN A 218 12.58 -18.72 -3.91
CA GLN A 218 13.11 -17.79 -4.89
C GLN A 218 13.49 -16.49 -4.16
N PHE A 219 14.75 -16.09 -4.29
CA PHE A 219 15.28 -15.00 -3.50
C PHE A 219 15.74 -13.83 -4.36
N GLU A 220 14.99 -12.74 -4.32
CA GLU A 220 15.37 -11.53 -5.04
C GLU A 220 16.54 -10.85 -4.33
N TYR A 221 17.53 -10.44 -5.11
CA TYR A 221 18.66 -9.67 -4.61
C TYR A 221 19.11 -8.59 -5.58
N LYS A 222 19.86 -7.62 -5.07
CA LYS A 222 20.45 -6.55 -5.88
C LYS A 222 21.88 -6.31 -5.45
N TYR A 223 22.70 -5.84 -6.38
CA TYR A 223 24.07 -5.45 -6.08
C TYR A 223 24.14 -3.96 -5.76
N ILE A 224 25.02 -3.61 -4.82
CA ILE A 224 25.37 -2.23 -4.59
C ILE A 224 26.85 -2.08 -4.93
N ILE A 225 27.13 -1.37 -6.02
CA ILE A 225 28.48 -1.25 -6.56
C ILE A 225 28.96 0.19 -6.42
N ASP A 226 29.97 0.39 -5.58
CA ASP A 226 30.48 1.71 -5.24
C ASP A 226 29.34 2.68 -4.94
N GLY A 227 28.41 2.23 -4.10
CA GLY A 227 27.27 3.05 -3.68
C GLY A 227 26.02 2.98 -4.57
N GLU A 228 26.14 2.39 -5.76
CA GLU A 228 25.04 2.41 -6.73
C GLU A 228 24.26 1.10 -6.79
N TRP A 229 22.93 1.20 -6.67
CA TRP A 229 22.03 0.07 -6.82
C TRP A 229 21.99 -0.37 -8.27
N THR A 230 22.17 -1.67 -8.50
CA THR A 230 22.08 -2.21 -9.86
C THR A 230 21.96 -3.74 -9.87
N HIS A 231 21.27 -4.26 -10.87
CA HIS A 231 21.20 -5.69 -11.09
C HIS A 231 22.31 -6.13 -12.02
N ASN A 232 22.75 -7.38 -11.87
CA ASN A 232 23.74 -7.97 -12.74
C ASN A 232 23.05 -8.61 -13.95
N GLU A 233 23.37 -8.13 -15.15
CA GLU A 233 22.76 -8.66 -16.36
C GLU A 233 23.31 -10.01 -16.82
N ALA A 234 24.48 -10.38 -16.29
CA ALA A 234 25.08 -11.69 -16.58
C ALA A 234 24.48 -12.78 -15.70
N GLU A 235 23.61 -12.38 -14.77
CA GLU A 235 22.85 -13.30 -13.92
C GLU A 235 21.35 -13.16 -14.23
N PRO A 236 20.54 -14.17 -13.86
CA PRO A 236 19.09 -14.08 -14.10
C PRO A 236 18.44 -12.90 -13.37
N PHE A 237 17.61 -12.14 -14.06
CA PHE A 237 16.84 -11.05 -13.46
C PHE A 237 15.41 -10.96 -13.96
N ILE A 238 14.52 -10.48 -13.10
CA ILE A 238 13.12 -10.24 -13.45
C ILE A 238 12.67 -8.88 -12.93
N GLY A 239 11.56 -8.38 -13.46
CA GLY A 239 11.00 -7.11 -13.02
C GLY A 239 10.77 -6.14 -14.16
N PRO A 240 10.32 -4.90 -13.84
CA PRO A 240 10.03 -4.41 -12.49
C PRO A 240 8.98 -5.24 -11.77
N ASN A 241 9.23 -5.52 -10.49
CA ASN A 241 8.28 -6.27 -9.67
C ASN A 241 7.10 -5.42 -9.19
N LYS A 242 6.27 -6.02 -8.34
CA LYS A 242 5.06 -5.37 -7.81
C LYS A 242 5.37 -4.07 -7.05
N ASP A 243 6.62 -3.93 -6.59
CA ASP A 243 7.06 -2.74 -5.86
C ASP A 243 7.81 -1.76 -6.77
N GLY A 244 8.00 -2.15 -8.03
CA GLY A 244 8.66 -1.30 -9.02
C GLY A 244 10.18 -1.49 -9.13
N HIS A 245 10.66 -2.66 -8.74
CA HIS A 245 12.11 -2.92 -8.74
C HIS A 245 12.50 -4.09 -9.62
N THR A 246 13.60 -3.92 -10.34
CA THR A 246 14.17 -4.98 -11.16
C THR A 246 15.32 -5.61 -10.39
N ASN A 247 15.16 -6.89 -10.02
CA ASN A 247 16.13 -7.60 -9.20
C ASN A 247 16.65 -8.87 -9.87
N ASN A 248 17.88 -9.22 -9.54
CA ASN A 248 18.37 -10.58 -9.76
C ASN A 248 17.62 -11.51 -8.83
N TYR A 249 17.63 -12.80 -9.15
CA TYR A 249 17.04 -13.79 -8.25
C TYR A 249 17.87 -15.07 -8.23
N ALA A 250 17.94 -15.67 -7.05
CA ALA A 250 18.52 -16.98 -6.88
C ALA A 250 17.40 -17.97 -6.60
N LYS A 251 17.53 -19.19 -7.12
CA LYS A 251 16.50 -20.20 -6.96
C LYS A 251 17.08 -21.47 -6.33
N VAL A 252 16.51 -21.87 -5.21
CA VAL A 252 16.92 -23.06 -4.49
C VAL A 252 15.77 -24.05 -4.50
N VAL A 253 16.03 -25.26 -4.99
CA VAL A 253 15.05 -26.35 -5.00
C VAL A 253 15.62 -27.52 -4.19
N ASP A 254 14.84 -28.05 -3.25
CA ASP A 254 15.28 -29.19 -2.42
C ASP A 254 15.65 -30.40 -3.27
N ASP A 255 16.61 -31.19 -2.79
CA ASP A 255 16.91 -32.48 -3.39
C ASP A 255 15.66 -33.35 -3.36
N PRO A 256 15.37 -34.07 -4.45
CA PRO A 256 14.32 -35.10 -4.40
C PRO A 256 14.61 -36.15 -3.32
N THR A 257 13.55 -36.78 -2.82
CA THR A 257 13.64 -37.66 -1.65
C THR A 257 12.72 -38.88 -1.82
N SER A 258 13.07 -39.99 -1.17
CA SER A 258 12.30 -41.22 -1.28
C SER A 258 10.99 -41.20 -0.48
N VAL A 259 10.86 -40.22 0.42
CA VAL A 259 9.65 -40.06 1.23
C VAL A 259 8.93 -38.75 0.90
N ASP A 260 9.09 -38.27 -0.33
CA ASP A 260 8.41 -37.07 -0.81
C ASP A 260 6.89 -37.24 -0.94
N GLY A 261 6.45 -38.45 -1.28
CA GLY A 261 5.03 -38.72 -1.52
C GLY A 261 4.50 -37.85 -2.64
N THR A 262 3.34 -37.23 -2.41
CA THR A 262 2.77 -36.28 -3.36
C THR A 262 2.99 -34.84 -2.88
N THR A 263 3.60 -34.71 -1.70
CA THR A 263 3.87 -33.42 -1.05
C THR A 263 4.38 -32.32 -1.99
N ARG A 264 5.31 -32.68 -2.87
CA ARG A 264 6.01 -31.70 -3.70
C ARG A 264 5.08 -30.92 -4.64
N GLU A 265 4.23 -31.64 -5.36
CA GLU A 265 3.29 -31.00 -6.29
C GLU A 265 2.10 -30.32 -5.60
N ARG A 266 1.67 -30.85 -4.46
CA ARG A 266 0.51 -30.30 -3.75
C ARG A 266 0.82 -29.00 -3.02
N LEU A 267 1.98 -28.93 -2.40
CA LEU A 267 2.37 -27.80 -1.55
C LEU A 267 2.93 -26.60 -2.31
N SER A 268 3.55 -26.86 -3.46
CA SER A 268 4.20 -25.83 -4.27
C SER A 268 3.24 -24.95 -5.07
N SER A 269 1.98 -25.38 -5.17
CA SER A 269 0.97 -24.68 -5.96
C SER A 269 0.51 -23.36 -5.30
N GLU A 270 -0.11 -22.51 -6.11
CA GLU A 270 -0.63 -21.20 -5.67
C GLU A 270 -1.51 -21.32 -4.43
N ASP A 271 -2.35 -22.36 -4.41
CA ASP A 271 -3.26 -22.64 -3.31
C ASP A 271 -2.96 -24.02 -2.74
N PRO A 272 -2.06 -24.09 -1.73
CA PRO A 272 -1.54 -25.36 -1.20
C PRO A 272 -2.62 -26.32 -0.71
N GLU A 273 -2.64 -27.52 -1.27
CA GLU A 273 -3.59 -28.55 -0.89
C GLU A 273 -3.07 -29.33 0.32
N LEU A 274 -3.62 -29.02 1.48
CA LEU A 274 -3.22 -29.71 2.71
C LEU A 274 -4.11 -30.91 2.99
N LEU A 275 -3.48 -32.05 3.24
CA LEU A 275 -4.16 -33.22 3.77
C LEU A 275 -4.68 -32.93 5.17
N GLU A 276 -5.76 -33.60 5.56
CA GLU A 276 -6.33 -33.45 6.89
C GLU A 276 -5.33 -33.87 7.97
N GLU A 277 -4.60 -34.94 7.67
CA GLU A 277 -3.54 -35.48 8.55
C GLU A 277 -2.42 -34.45 8.74
N GLU A 278 -2.10 -33.72 7.67
CA GLU A 278 -1.08 -32.67 7.71
C GLU A 278 -1.52 -31.47 8.53
N ARG A 279 -2.78 -31.08 8.39
CA ARG A 279 -3.36 -29.96 9.15
C ARG A 279 -3.35 -30.26 10.65
N SER A 280 -3.69 -31.51 10.97
CA SER A 280 -3.77 -31.97 12.35
C SER A 280 -2.39 -32.01 13.02
N LYS A 281 -1.38 -32.47 12.27
CA LYS A 281 0.00 -32.52 12.76
C LYS A 281 0.59 -31.13 12.88
N LEU A 282 0.26 -30.27 11.92
CA LEU A 282 0.75 -28.91 11.83
C LEU A 282 0.33 -28.06 13.04
N ILE A 283 -0.95 -28.11 13.39
CA ILE A 283 -1.48 -27.39 14.55
C ILE A 283 -0.77 -27.85 15.82
N GLN A 284 -0.68 -29.17 15.98
CA GLN A 284 -0.02 -29.80 17.11
C GLN A 284 1.43 -29.34 17.26
N PHE A 285 2.17 -29.31 16.15
CA PHE A 285 3.56 -28.86 16.14
C PHE A 285 3.70 -27.38 16.49
N LEU A 286 2.74 -26.56 16.04
CA LEU A 286 2.74 -25.13 16.30
C LEU A 286 2.81 -24.79 17.79
N GLU A 287 2.10 -25.57 18.60
CA GLU A 287 2.10 -25.41 20.06
C GLU A 287 3.51 -25.58 20.63
N THR A 288 4.24 -26.56 20.11
CA THR A 288 5.59 -26.86 20.55
C THR A 288 6.59 -25.78 20.12
N CYS A 289 6.15 -24.88 19.23
CA CYS A 289 6.97 -23.78 18.73
C CYS A 289 6.68 -22.46 19.45
N SER A 290 5.60 -22.43 20.23
CA SER A 290 5.16 -21.21 20.89
C SER A 290 6.20 -20.67 21.87
N GLU A 291 6.20 -19.35 22.05
CA GLU A 291 7.15 -18.69 22.93
C GLU A 291 6.47 -18.17 24.18
N ALA A 292 7.26 -17.92 25.22
CA ALA A 292 6.77 -17.30 26.45
C ALA A 292 6.07 -15.98 26.15
N GLU A 293 4.90 -15.79 26.74
CA GLU A 293 4.07 -14.61 26.52
C GLU A 293 4.62 -13.34 27.19
N VAL A 294 5.55 -13.53 28.12
CA VAL A 294 6.23 -12.47 28.90
C VAL A 294 5.32 -11.42 29.56
N TYR B 5 6.15 3.47 1.58
CA TYR B 5 7.02 3.94 0.45
C TYR B 5 8.48 4.04 0.88
N ARG B 6 9.31 3.22 0.25
CA ARG B 6 10.75 3.17 0.55
C ARG B 6 11.55 4.09 -0.36
N HIS B 7 11.67 5.35 0.05
CA HIS B 7 12.43 6.36 -0.69
C HIS B 7 13.89 5.97 -0.88
N GLU B 8 14.52 5.45 0.17
CA GLU B 8 15.93 5.07 0.16
C GLU B 8 16.28 3.98 -0.85
N LEU B 9 15.27 3.20 -1.26
CA LEU B 9 15.44 2.17 -2.28
C LEU B 9 15.57 2.75 -3.68
N GLY B 10 15.41 4.07 -3.78
CA GLY B 10 15.55 4.78 -5.05
C GLY B 10 14.26 4.84 -5.85
N MSE B 11 14.32 5.49 -7.01
CA MSE B 11 13.17 5.61 -7.88
C MSE B 11 12.73 4.24 -8.40
O MSE B 11 13.52 3.53 -9.01
CB MSE B 11 13.47 6.56 -9.05
CG MSE B 11 12.32 6.74 -10.03
SE MSE B 11 12.81 7.68 -11.67
CE MSE B 11 14.27 6.53 -12.29
N ASN B 12 11.47 3.90 -8.14
CA ASN B 12 10.87 2.66 -8.65
C ASN B 12 9.77 2.97 -9.66
N TYR B 13 9.57 2.07 -10.61
CA TYR B 13 8.55 2.27 -11.65
C TYR B 13 8.07 0.96 -12.28
N ASN B 14 6.95 1.02 -12.98
CA ASN B 14 6.40 -0.13 -13.68
C ASN B 14 5.94 0.18 -15.10
N PHE B 15 6.39 -0.62 -16.06
CA PHE B 15 5.81 -0.63 -17.40
C PHE B 15 4.41 -1.25 -17.35
N ILE B 16 3.41 -0.47 -17.72
CA ILE B 16 2.03 -0.95 -17.83
C ILE B 16 1.78 -1.31 -19.29
N ARG B 17 2.37 -0.50 -20.17
CA ARG B 17 2.38 -0.71 -21.61
C ARG B 17 3.78 -0.31 -22.08
N PRO B 18 4.20 -0.79 -23.28
CA PRO B 18 5.51 -0.36 -23.79
C PRO B 18 5.68 1.15 -23.91
N ASP B 19 4.59 1.90 -23.90
CA ASP B 19 4.62 3.36 -23.98
C ASP B 19 4.21 4.09 -22.70
N LEU B 20 3.81 3.34 -21.68
CA LEU B 20 3.29 3.94 -20.45
C LEU B 20 3.93 3.35 -19.19
N ILE B 21 4.46 4.23 -18.35
CA ILE B 21 5.04 3.84 -17.06
C ILE B 21 4.35 4.59 -15.92
N VAL B 22 4.11 3.88 -14.82
CA VAL B 22 3.68 4.50 -13.56
C VAL B 22 4.80 4.30 -12.55
N GLY B 23 5.23 5.36 -11.89
CA GLY B 23 6.36 5.27 -10.95
C GLY B 23 6.44 6.28 -9.83
N SER B 24 7.46 6.11 -9.00
CA SER B 24 7.74 7.03 -7.90
C SER B 24 8.53 8.23 -8.41
N CYS B 25 8.79 9.18 -7.52
CA CYS B 25 9.40 10.45 -7.90
C CYS B 25 10.86 10.32 -8.29
N LEU B 26 11.29 11.17 -9.22
CA LEU B 26 12.71 11.37 -9.50
C LEU B 26 13.34 12.01 -8.28
N GLN B 27 14.51 11.52 -7.89
CA GLN B 27 15.16 11.95 -6.64
C GLN B 27 16.33 12.89 -6.91
N THR B 28 17.00 12.68 -8.03
CA THR B 28 18.16 13.48 -8.44
C THR B 28 18.09 13.71 -9.96
N PRO B 29 18.83 14.72 -10.46
CA PRO B 29 19.00 14.91 -11.91
C PRO B 29 19.46 13.65 -12.66
N GLU B 30 20.22 12.77 -11.99
CA GLU B 30 20.70 11.52 -12.57
C GLU B 30 19.57 10.58 -12.98
N ASP B 31 18.44 10.66 -12.27
CA ASP B 31 17.25 9.87 -12.60
C ASP B 31 16.67 10.21 -13.97
N VAL B 32 16.86 11.46 -14.42
CA VAL B 32 16.47 11.88 -15.76
C VAL B 32 17.22 11.09 -16.83
N ASP B 33 18.51 10.86 -16.61
CA ASP B 33 19.35 10.06 -17.51
C ASP B 33 18.88 8.61 -17.58
N LYS B 34 18.56 8.02 -16.43
CA LYS B 34 18.02 6.66 -16.37
C LYS B 34 16.75 6.53 -17.21
N LEU B 35 15.91 7.57 -17.19
CA LEU B 35 14.67 7.57 -17.96
C LEU B 35 14.90 7.81 -19.46
N ARG B 36 15.83 8.71 -19.80
CA ARG B 36 16.24 8.90 -21.19
C ARG B 36 16.76 7.61 -21.81
N LYS B 37 17.47 6.82 -21.00
CA LYS B 37 18.04 5.54 -21.41
C LYS B 37 16.97 4.51 -21.80
N ILE B 38 15.82 4.57 -21.13
CA ILE B 38 14.70 3.68 -21.46
C ILE B 38 13.65 4.32 -22.40
N GLY B 39 14.05 5.38 -23.09
CA GLY B 39 13.23 5.99 -24.15
C GLY B 39 12.11 6.89 -23.68
N VAL B 40 12.13 7.28 -22.41
CA VAL B 40 11.15 8.22 -21.87
C VAL B 40 11.34 9.60 -22.51
N LYS B 41 10.23 10.18 -22.97
CA LYS B 41 10.24 11.48 -23.64
C LYS B 41 9.36 12.50 -22.92
N THR B 42 8.58 12.02 -21.96
CA THR B 42 7.72 12.86 -21.12
C THR B 42 7.86 12.45 -19.66
N ILE B 43 8.24 13.41 -18.81
CA ILE B 43 8.18 13.20 -17.37
C ILE B 43 7.00 14.00 -16.84
N PHE B 44 5.96 13.29 -16.43
CA PHE B 44 4.73 13.92 -15.97
C PHE B 44 4.67 13.90 -14.44
N CYS B 45 5.09 15.02 -13.84
CA CYS B 45 5.19 15.14 -12.39
C CYS B 45 3.88 15.65 -11.75
N LEU B 46 3.37 14.91 -10.78
CA LEU B 46 2.11 15.25 -10.12
C LEU B 46 2.31 15.80 -8.70
N GLN B 47 3.57 15.93 -8.30
CA GLN B 47 3.92 16.29 -6.93
C GLN B 47 3.71 17.77 -6.62
N GLN B 48 3.32 18.05 -5.38
CA GLN B 48 3.26 19.41 -4.87
C GLN B 48 4.60 19.76 -4.21
N ASP B 49 4.84 21.04 -3.98
CA ASP B 49 6.07 21.49 -3.35
C ASP B 49 6.36 20.87 -1.96
N PRO B 50 5.35 20.84 -1.06
CA PRO B 50 5.58 20.24 0.26
C PRO B 50 6.00 18.78 0.19
N ASP B 51 5.50 18.06 -0.80
CA ASP B 51 5.86 16.65 -1.02
C ASP B 51 7.34 16.49 -1.35
N LEU B 52 7.87 17.44 -2.11
CA LEU B 52 9.28 17.43 -2.51
C LEU B 52 10.22 17.86 -1.38
N GLU B 53 9.75 18.75 -0.52
CA GLU B 53 10.52 19.22 0.65
C GLU B 53 10.74 18.12 1.70
N TYR B 54 9.72 17.30 1.91
CA TYR B 54 9.76 16.25 2.94
C TYR B 54 10.89 15.25 2.71
N PHE B 55 11.14 14.92 1.44
CA PHE B 55 12.19 13.95 1.08
C PHE B 55 13.49 14.62 0.61
N GLY B 56 13.51 15.94 0.60
CA GLY B 56 14.69 16.71 0.19
C GLY B 56 15.04 16.58 -1.28
N VAL B 57 14.02 16.70 -2.14
CA VAL B 57 14.20 16.64 -3.59
C VAL B 57 14.24 18.05 -4.18
N ASP B 58 15.36 18.36 -4.85
CA ASP B 58 15.51 19.63 -5.53
C ASP B 58 14.89 19.52 -6.92
N ILE B 59 13.65 19.99 -7.05
CA ILE B 59 12.89 19.86 -8.29
C ILE B 59 13.43 20.77 -9.42
N SER B 60 13.88 21.98 -9.05
CA SER B 60 14.38 22.94 -10.03
C SER B 60 15.63 22.43 -10.74
N SER B 61 16.51 21.75 -10.00
CA SER B 61 17.70 21.12 -10.56
C SER B 61 17.34 20.02 -11.56
N ILE B 62 16.32 19.22 -11.21
CA ILE B 62 15.80 18.18 -12.10
C ILE B 62 15.20 18.81 -13.37
N GLN B 63 14.38 19.83 -13.18
CA GLN B 63 13.78 20.57 -14.30
C GLN B 63 14.85 21.15 -15.23
N ALA B 64 15.81 21.87 -14.66
CA ALA B 64 16.90 22.50 -15.42
C ALA B 64 17.70 21.48 -16.23
N TYR B 65 17.92 20.30 -15.65
CA TYR B 65 18.67 19.23 -16.32
C TYR B 65 17.87 18.65 -17.48
N ALA B 66 16.56 18.52 -17.30
CA ALA B 66 15.67 18.06 -18.36
C ALA B 66 15.52 19.09 -19.50
N LYS B 67 15.65 20.37 -19.16
CA LYS B 67 15.61 21.44 -20.16
C LYS B 67 16.76 21.34 -21.18
N LYS B 68 17.90 20.82 -20.74
CA LYS B 68 19.09 20.65 -21.59
C LYS B 68 18.89 19.68 -22.77
N TYR B 69 17.94 18.76 -22.63
CA TYR B 69 17.65 17.78 -23.68
C TYR B 69 16.24 17.97 -24.23
N SER B 70 16.15 18.31 -25.52
CA SER B 70 14.86 18.43 -26.20
C SER B 70 14.19 17.07 -26.39
N ASP B 71 14.98 16.03 -26.13
CA ASP B 71 14.58 14.63 -26.22
C ASP B 71 13.47 14.27 -25.24
N ILE B 72 13.47 14.99 -24.11
CA ILE B 72 12.64 14.65 -22.96
C ILE B 72 12.09 15.93 -22.34
N GLN B 73 10.78 15.97 -22.15
CA GLN B 73 10.10 17.15 -21.59
C GLN B 73 9.63 16.89 -20.17
N HIS B 74 9.93 17.83 -19.26
CA HIS B 74 9.46 17.75 -17.89
C HIS B 74 8.25 18.64 -17.70
N ILE B 75 7.19 18.07 -17.13
CA ILE B 75 5.93 18.78 -16.92
C ILE B 75 5.44 18.59 -15.47
N ARG B 76 5.02 19.70 -14.86
CA ARG B 76 4.42 19.68 -13.53
C ARG B 76 2.91 19.93 -13.60
N CYS B 77 2.14 18.97 -13.11
CA CYS B 77 0.69 19.09 -12.98
C CYS B 77 0.27 18.66 -11.58
N GLU B 78 0.31 19.60 -10.66
CA GLU B 78 0.11 19.33 -9.24
C GLU B 78 -1.27 18.76 -8.92
N ILE B 79 -1.28 17.72 -8.09
CA ILE B 79 -2.50 17.23 -7.44
C ILE B 79 -2.16 17.05 -5.96
N ARG B 80 -3.08 17.45 -5.10
CA ARG B 80 -2.89 17.31 -3.66
C ARG B 80 -2.80 15.83 -3.26
N ASP B 81 -1.80 15.53 -2.44
CA ASP B 81 -1.61 14.20 -1.89
C ASP B 81 -2.70 13.93 -0.85
N PHE B 82 -3.09 12.66 -0.72
CA PHE B 82 -3.99 12.24 0.37
C PHE B 82 -5.35 12.97 0.31
N ASP B 83 -5.79 13.30 -0.90
CA ASP B 83 -7.01 14.09 -1.12
C ASP B 83 -7.79 13.58 -2.33
N ALA B 84 -8.79 12.74 -2.05
CA ALA B 84 -9.61 12.11 -3.10
C ALA B 84 -10.49 13.11 -3.85
N PHE B 85 -10.83 14.21 -3.18
CA PHE B 85 -11.63 15.27 -3.80
C PHE B 85 -10.85 16.08 -4.83
N ASP B 86 -9.62 16.46 -4.48
CA ASP B 86 -8.77 17.22 -5.38
C ASP B 86 -8.44 16.39 -6.62
N LEU B 87 -8.18 15.09 -6.40
CA LEU B 87 -7.98 14.14 -7.49
C LEU B 87 -9.12 14.28 -8.50
N ARG B 88 -10.35 14.08 -8.00
CA ARG B 88 -11.57 14.18 -8.80
C ARG B 88 -11.67 15.53 -9.52
N MSE B 89 -11.37 16.61 -8.80
CA MSE B 89 -11.47 17.96 -9.35
C MSE B 89 -10.40 18.22 -10.41
O MSE B 89 -10.65 18.95 -11.37
CB MSE B 89 -11.35 18.98 -8.22
CG MSE B 89 -12.44 20.03 -8.22
SE MSE B 89 -14.24 19.24 -8.20
CE MSE B 89 -15.21 20.79 -7.56
N ARG B 90 -9.22 17.62 -10.24
CA ARG B 90 -8.07 17.89 -11.08
C ARG B 90 -7.92 16.95 -12.28
N LEU B 91 -8.46 15.75 -12.19
CA LEU B 91 -8.32 14.76 -13.27
C LEU B 91 -8.62 15.28 -14.67
N PRO B 92 -9.77 15.99 -14.87
CA PRO B 92 -10.06 16.50 -16.22
C PRO B 92 -8.93 17.33 -16.85
N ALA B 93 -8.45 18.34 -16.14
CA ALA B 93 -7.39 19.22 -16.66
C ALA B 93 -6.02 18.54 -16.70
N VAL B 94 -5.75 17.66 -15.74
CA VAL B 94 -4.47 16.95 -15.66
C VAL B 94 -4.31 15.99 -16.84
N VAL B 95 -5.32 15.13 -17.07
CA VAL B 95 -5.29 14.20 -18.18
C VAL B 95 -5.23 14.94 -19.52
N GLY B 96 -5.94 16.06 -19.60
CA GLY B 96 -5.88 16.94 -20.76
C GLY B 96 -4.46 17.33 -21.11
N THR B 97 -3.72 17.77 -20.09
CA THR B 97 -2.31 18.14 -20.24
C THR B 97 -1.45 16.93 -20.63
N LEU B 98 -1.77 15.78 -20.04
CA LEU B 98 -1.10 14.52 -20.39
C LEU B 98 -1.38 14.11 -21.84
N TYR B 99 -2.64 14.23 -22.23
CA TYR B 99 -3.08 13.91 -23.59
C TYR B 99 -2.31 14.71 -24.66
N LYS B 100 -2.14 16.01 -24.41
CA LYS B 100 -1.42 16.87 -25.35
C LYS B 100 0.08 16.59 -25.34
N ALA B 101 0.59 16.15 -24.19
CA ALA B 101 2.01 15.84 -24.03
C ALA B 101 2.41 14.57 -24.78
N VAL B 102 1.56 13.55 -24.72
CA VAL B 102 1.82 12.28 -25.41
C VAL B 102 1.77 12.45 -26.93
N LYS B 103 0.78 13.21 -27.40
CA LYS B 103 0.64 13.50 -28.83
C LYS B 103 1.85 14.27 -29.36
N ARG B 104 2.41 15.14 -28.53
CA ARG B 104 3.55 15.97 -28.91
C ARG B 104 4.87 15.21 -28.85
N ASN B 105 5.07 14.44 -27.80
CA ASN B 105 6.36 13.81 -27.52
C ASN B 105 6.49 12.35 -27.96
N GLY B 106 5.42 11.58 -27.79
CA GLY B 106 5.45 10.14 -28.10
C GLY B 106 6.44 9.42 -27.22
N GLY B 107 7.08 8.40 -27.75
CA GLY B 107 8.02 7.58 -27.00
C GLY B 107 7.36 6.94 -25.79
N VAL B 108 8.04 6.98 -24.65
CA VAL B 108 7.50 6.43 -23.42
C VAL B 108 7.12 7.56 -22.45
N THR B 109 5.98 7.41 -21.81
CA THR B 109 5.50 8.42 -20.88
C THR B 109 5.68 7.96 -19.43
N TYR B 110 6.40 8.77 -18.65
CA TYR B 110 6.63 8.49 -17.24
C TYR B 110 5.70 9.33 -16.38
N VAL B 111 4.67 8.69 -15.84
CA VAL B 111 3.72 9.36 -14.96
C VAL B 111 4.04 9.02 -13.50
N HIS B 112 4.29 10.06 -12.70
CA HIS B 112 4.74 9.85 -11.32
C HIS B 112 4.21 10.86 -10.32
N SER B 113 3.96 10.37 -9.11
CA SER B 113 3.69 11.21 -7.96
C SER B 113 4.87 11.06 -6.98
N THR B 114 4.61 10.93 -5.69
CA THR B 114 5.68 10.73 -4.73
C THR B 114 5.98 9.23 -4.60
N ALA B 115 4.96 8.46 -4.22
CA ALA B 115 5.10 7.03 -4.01
C ALA B 115 4.74 6.23 -5.25
N GLY B 116 4.00 6.85 -6.16
CA GLY B 116 3.45 6.17 -7.33
C GLY B 116 2.43 5.10 -6.96
N MSE B 117 1.67 5.36 -5.89
CA MSE B 117 0.68 4.40 -5.41
C MSE B 117 -0.72 4.99 -5.29
O MSE B 117 -1.69 4.25 -5.05
CB MSE B 117 1.12 3.81 -4.06
CG MSE B 117 2.13 2.67 -4.18
SE MSE B 117 2.87 2.16 -2.44
CE MSE B 117 3.86 0.56 -2.95
N GLY B 118 -0.83 6.30 -5.47
CA GLY B 118 -2.11 6.99 -5.38
C GLY B 118 -2.43 7.83 -6.59
N ARG B 119 -1.77 8.99 -6.70
CA ARG B 119 -2.04 9.96 -7.75
C ARG B 119 -1.63 9.47 -9.14
N ALA B 120 -0.40 8.97 -9.27
CA ALA B 120 0.10 8.51 -10.57
C ALA B 120 -0.70 7.36 -11.19
N PRO B 121 -0.98 6.29 -10.40
CA PRO B 121 -1.82 5.21 -10.92
C PRO B 121 -3.20 5.68 -11.38
N ALA B 122 -3.80 6.62 -10.64
CA ALA B 122 -5.14 7.11 -10.96
C ALA B 122 -5.17 7.92 -12.27
N VAL B 123 -4.17 8.78 -12.45
CA VAL B 123 -4.03 9.58 -13.66
C VAL B 123 -3.81 8.69 -14.89
N ALA B 124 -2.92 7.72 -14.76
CA ALA B 124 -2.63 6.79 -15.85
C ALA B 124 -3.84 5.90 -16.17
N LEU B 125 -4.58 5.50 -15.14
CA LEU B 125 -5.78 4.69 -15.33
C LEU B 125 -6.85 5.48 -16.07
N THR B 126 -7.03 6.73 -15.65
CA THR B 126 -7.95 7.66 -16.29
C THR B 126 -7.58 7.87 -17.76
N TYR B 127 -6.29 8.03 -18.03
CA TYR B 127 -5.81 8.25 -19.40
C TYR B 127 -6.08 7.02 -20.27
N MSE B 128 -5.79 5.84 -19.74
CA MSE B 128 -6.10 4.59 -20.43
C MSE B 128 -7.60 4.45 -20.70
O MSE B 128 -8.02 3.99 -21.76
CB MSE B 128 -5.60 3.38 -19.62
CG MSE B 128 -4.08 3.32 -19.49
SE MSE B 128 -3.50 1.77 -18.45
CE MSE B 128 -3.94 2.34 -16.65
N PHE B 129 -8.42 4.86 -19.73
CA PHE B 129 -9.88 4.82 -19.82
C PHE B 129 -10.42 5.79 -20.89
N TRP B 130 -10.12 7.08 -20.75
CA TRP B 130 -10.69 8.11 -21.63
C TRP B 130 -10.04 8.17 -23.02
N VAL B 131 -8.72 8.04 -23.06
CA VAL B 131 -7.96 8.27 -24.29
C VAL B 131 -7.59 6.98 -25.02
N GLN B 132 -7.03 6.02 -24.28
CA GLN B 132 -6.55 4.78 -24.87
C GLN B 132 -7.68 3.85 -25.32
N GLY B 133 -8.85 4.02 -24.71
CA GLY B 133 -10.05 3.31 -25.14
C GLY B 133 -10.37 2.04 -24.37
N TYR B 134 -9.62 1.80 -23.29
CA TYR B 134 -9.86 0.66 -22.41
C TYR B 134 -11.16 0.82 -21.65
N LYS B 135 -11.76 -0.30 -21.25
CA LYS B 135 -12.77 -0.29 -20.21
C LYS B 135 -12.06 -0.06 -18.87
N LEU B 136 -12.70 0.68 -17.97
CA LEU B 136 -12.10 1.07 -16.69
C LEU B 136 -11.56 -0.11 -15.87
N MSE B 137 -12.39 -1.13 -15.69
CA MSE B 137 -12.06 -2.28 -14.84
C MSE B 137 -11.00 -3.18 -15.47
O MSE B 137 -10.24 -3.85 -14.76
CB MSE B 137 -13.31 -3.08 -14.50
CG MSE B 137 -14.23 -2.36 -13.55
SE MSE B 137 -13.25 -1.51 -12.09
CE MSE B 137 -12.77 -3.11 -11.07
N GLU B 138 -10.98 -3.21 -16.79
CA GLU B 138 -10.00 -3.98 -17.54
C GLU B 138 -8.61 -3.32 -17.50
N ALA B 139 -8.58 -1.98 -17.54
CA ALA B 139 -7.34 -1.24 -17.37
C ALA B 139 -6.85 -1.34 -15.93
N HIS B 140 -7.80 -1.28 -14.99
CA HIS B 140 -7.53 -1.45 -13.56
C HIS B 140 -6.87 -2.80 -13.27
N LYS B 141 -7.43 -3.87 -13.86
CA LYS B 141 -6.92 -5.23 -13.70
C LYS B 141 -5.49 -5.37 -14.27
N LEU B 142 -5.20 -4.64 -15.34
CA LEU B 142 -3.88 -4.63 -15.93
C LEU B 142 -2.87 -3.95 -15.01
N LEU B 143 -3.21 -2.74 -14.56
CA LEU B 143 -2.37 -1.97 -13.64
C LEU B 143 -2.03 -2.74 -12.36
N MSE B 144 -3.06 -3.31 -11.73
CA MSE B 144 -2.90 -4.05 -10.47
C MSE B 144 -2.02 -5.30 -10.62
O MSE B 144 -1.35 -5.70 -9.67
CB MSE B 144 -4.26 -4.44 -9.87
CG MSE B 144 -5.17 -3.26 -9.53
SE MSE B 144 -4.41 -1.99 -8.23
CE MSE B 144 -4.83 -3.01 -6.61
N SER B 145 -2.02 -5.89 -11.81
CA SER B 145 -1.19 -7.06 -12.10
C SER B 145 0.30 -6.68 -12.22
N LYS B 146 0.57 -5.39 -12.38
CA LYS B 146 1.94 -4.91 -12.54
C LYS B 146 2.49 -4.23 -11.29
N ARG B 147 1.65 -3.46 -10.60
CA ARG B 147 2.09 -2.62 -9.49
C ARG B 147 1.11 -2.65 -8.31
N SER B 148 1.65 -2.87 -7.12
CA SER B 148 0.89 -2.75 -5.87
C SER B 148 0.57 -1.28 -5.60
N CYS B 149 -0.65 -0.87 -5.93
CA CYS B 149 -1.08 0.51 -5.73
C CYS B 149 -2.54 0.59 -5.34
N PHE B 150 -3.00 1.79 -4.99
CA PHE B 150 -4.37 1.98 -4.52
C PHE B 150 -5.08 3.14 -5.21
N PRO B 151 -5.35 3.00 -6.53
CA PRO B 151 -6.00 4.10 -7.25
C PRO B 151 -7.48 4.25 -6.86
N LYS B 152 -7.96 5.49 -6.83
CA LYS B 152 -9.33 5.75 -6.42
C LYS B 152 -10.30 5.69 -7.59
N LEU B 153 -10.87 4.51 -7.77
CA LEU B 153 -11.85 4.25 -8.83
C LEU B 153 -13.07 5.18 -8.75
N ASP B 154 -13.49 5.49 -7.52
CA ASP B 154 -14.61 6.39 -7.29
C ASP B 154 -14.31 7.81 -7.79
N ALA B 155 -13.05 8.23 -7.66
CA ALA B 155 -12.61 9.54 -8.13
C ALA B 155 -12.62 9.61 -9.66
N ILE B 156 -12.19 8.53 -10.31
CA ILE B 156 -12.17 8.47 -11.77
C ILE B 156 -13.59 8.49 -12.36
N ARG B 157 -14.47 7.68 -11.78
CA ARG B 157 -15.88 7.63 -12.18
C ARG B 157 -16.54 9.00 -12.07
N ASN B 158 -16.28 9.70 -10.97
CA ASN B 158 -16.86 11.01 -10.73
C ASN B 158 -16.34 12.11 -11.65
N ALA B 159 -15.04 12.07 -11.94
CA ALA B 159 -14.45 12.99 -12.92
C ALA B 159 -15.06 12.80 -14.31
N THR B 160 -15.31 11.55 -14.69
CA THR B 160 -15.95 11.21 -15.95
C THR B 160 -17.34 11.83 -16.04
N ILE B 161 -18.11 11.69 -14.97
CA ILE B 161 -19.46 12.24 -14.89
C ILE B 161 -19.44 13.77 -14.88
N ASP B 162 -18.47 14.34 -14.17
CA ASP B 162 -18.29 15.80 -14.11
C ASP B 162 -18.05 16.44 -15.48
N ILE B 163 -17.35 15.74 -16.36
CA ILE B 163 -17.10 16.25 -17.72
C ILE B 163 -18.36 16.16 -18.59
N LEU B 164 -19.06 15.03 -18.49
CA LEU B 164 -20.22 14.76 -19.33
C LEU B 164 -21.49 15.53 -18.94
N THR B 165 -21.75 15.62 -17.63
CA THR B 165 -22.98 16.23 -17.13
C THR B 165 -22.78 17.63 -16.53
N GLY B 166 -21.55 17.95 -16.18
CA GLY B 166 -21.24 19.22 -15.52
C GLY B 166 -21.21 19.09 -14.01
N LEU B 167 -20.95 20.21 -13.34
CA LEU B 167 -20.80 20.25 -11.90
C LEU B 167 -22.01 20.97 -11.28
N LYS B 168 -22.74 20.27 -10.41
CA LYS B 168 -23.92 20.84 -9.74
C LYS B 168 -23.71 20.89 -8.23
N ARG B 169 -23.53 22.08 -7.68
CA ARG B 169 -23.20 22.22 -6.26
C ARG B 169 -24.39 22.65 -5.38
N LYS B 170 -24.43 22.10 -4.18
CA LYS B 170 -25.44 22.40 -3.17
C LYS B 170 -24.78 22.65 -1.81
N THR B 171 -25.44 23.45 -0.96
CA THR B 171 -24.97 23.75 0.39
C THR B 171 -25.14 22.55 1.31
N VAL B 172 -24.04 22.16 1.98
CA VAL B 172 -24.05 21.06 2.94
C VAL B 172 -23.74 21.60 4.33
N THR B 173 -24.61 21.30 5.29
CA THR B 173 -24.45 21.75 6.66
C THR B 173 -24.01 20.60 7.58
N LEU B 174 -22.87 20.81 8.26
CA LEU B 174 -22.35 19.84 9.21
C LEU B 174 -22.44 20.39 10.63
N THR B 175 -23.00 19.61 11.55
CA THR B 175 -23.22 20.05 12.92
C THR B 175 -22.63 19.09 13.95
N LEU B 176 -22.23 19.64 15.09
CA LEU B 176 -21.66 18.87 16.19
C LEU B 176 -22.03 19.52 17.53
N LYS B 177 -22.78 18.80 18.34
CA LYS B 177 -23.24 19.30 19.64
C LYS B 177 -22.07 19.59 20.57
N ASP B 178 -22.03 20.82 21.08
CA ASP B 178 -20.95 21.22 21.97
C ASP B 178 -21.11 20.62 23.37
N LYS B 179 -20.04 19.99 23.85
CA LYS B 179 -19.98 19.47 25.21
C LYS B 179 -18.81 20.12 25.95
N GLY B 180 -18.81 21.45 25.99
CA GLY B 180 -17.74 22.21 26.63
C GLY B 180 -16.41 22.12 25.90
N PHE B 181 -16.47 22.27 24.58
CA PHE B 181 -15.26 22.23 23.74
C PHE B 181 -14.70 23.61 23.49
N SER B 182 -13.40 23.67 23.20
CA SER B 182 -12.71 24.93 22.94
C SER B 182 -12.39 25.11 21.46
N ARG B 183 -12.04 24.01 20.79
CA ARG B 183 -11.63 24.04 19.40
C ARG B 183 -12.17 22.83 18.64
N VAL B 184 -12.93 23.09 17.57
CA VAL B 184 -13.50 22.04 16.73
C VAL B 184 -13.24 22.33 15.26
N GLU B 185 -12.74 21.33 14.56
CA GLU B 185 -12.49 21.41 13.12
C GLU B 185 -12.67 20.05 12.45
N ILE B 186 -12.84 20.05 11.14
CA ILE B 186 -12.91 18.79 10.38
C ILE B 186 -11.75 18.65 9.41
N SER B 187 -11.47 17.42 9.02
CA SER B 187 -10.49 17.10 8.00
C SER B 187 -11.15 16.21 6.96
N GLY B 188 -10.54 16.10 5.79
CA GLY B 188 -11.13 15.34 4.69
C GLY B 188 -12.06 16.22 3.87
N LEU B 189 -13.30 15.76 3.71
CA LEU B 189 -14.30 16.47 2.89
C LEU B 189 -13.63 16.84 1.57
N ASP B 190 -13.64 18.13 1.27
CA ASP B 190 -13.13 18.64 0.00
C ASP B 190 -11.80 19.40 0.15
N ILE B 191 -11.17 19.24 1.32
CA ILE B 191 -9.89 19.89 1.60
C ILE B 191 -8.75 18.89 1.82
N GLY B 192 -9.10 17.62 1.92
CA GLY B 192 -8.11 16.56 2.10
C GLY B 192 -7.84 16.22 3.56
N TRP B 193 -7.20 15.08 3.78
CA TRP B 193 -6.93 14.60 5.13
C TRP B 193 -5.69 15.24 5.77
N GLY B 194 -4.87 15.89 4.96
CA GLY B 194 -3.69 16.60 5.47
C GLY B 194 -3.98 18.05 5.84
N GLN B 195 -5.27 18.41 5.87
CA GLN B 195 -5.71 19.79 6.07
C GLN B 195 -6.90 19.84 7.02
N ARG B 196 -7.06 20.97 7.71
CA ARG B 196 -8.24 21.18 8.57
C ARG B 196 -8.84 22.58 8.44
N ILE B 197 -10.15 22.67 8.57
CA ILE B 197 -10.87 23.95 8.63
C ILE B 197 -11.76 24.03 9.88
N PRO B 198 -11.76 25.18 10.57
CA PRO B 198 -12.50 25.29 11.83
C PRO B 198 -14.01 25.50 11.64
N LEU B 199 -14.79 24.95 12.56
CA LEU B 199 -16.23 25.25 12.62
C LEU B 199 -16.44 26.40 13.59
N THR B 200 -17.62 27.02 13.51
CA THR B 200 -17.96 28.11 14.41
C THR B 200 -19.07 27.69 15.38
N LEU B 201 -19.01 28.17 16.62
CA LEU B 201 -19.99 27.83 17.63
C LEU B 201 -21.20 28.77 17.53
N GLY B 202 -22.35 28.20 17.16
CA GLY B 202 -23.60 28.95 17.08
C GLY B 202 -24.03 29.49 18.44
N LYS B 203 -24.27 30.80 18.49
CA LYS B 203 -24.64 31.49 19.73
C LYS B 203 -26.02 31.10 20.26
N GLY B 204 -26.92 30.72 19.36
CA GLY B 204 -28.27 30.33 19.73
C GLY B 204 -28.48 28.84 19.93
N THR B 205 -27.80 28.03 19.11
CA THR B 205 -28.02 26.58 19.08
C THR B 205 -27.11 25.80 20.00
N GLY B 206 -25.87 26.28 20.17
CA GLY B 206 -24.87 25.57 20.97
C GLY B 206 -24.32 24.36 20.22
N PHE B 207 -24.39 24.41 18.90
CA PHE B 207 -23.83 23.40 18.02
C PHE B 207 -22.69 24.03 17.24
N TRP B 208 -21.59 23.30 17.07
CA TRP B 208 -20.54 23.69 16.15
C TRP B 208 -21.02 23.43 14.73
N ILE B 209 -20.94 24.44 13.87
CA ILE B 209 -21.54 24.40 12.55
C ILE B 209 -20.54 24.70 11.43
N LEU B 210 -20.68 23.98 10.32
CA LEU B 210 -19.87 24.20 9.13
C LEU B 210 -20.72 24.07 7.87
N LYS B 211 -20.54 25.02 6.95
CA LYS B 211 -21.26 25.02 5.67
C LYS B 211 -20.29 24.97 4.50
N ARG B 212 -20.49 24.00 3.60
CA ARG B 212 -19.66 23.85 2.40
C ARG B 212 -20.50 23.66 1.15
N GLU B 213 -20.03 24.24 0.04
CA GLU B 213 -20.64 24.05 -1.27
C GLU B 213 -20.02 22.83 -1.93
N LEU B 214 -20.80 21.77 -2.08
CA LEU B 214 -20.29 20.50 -2.59
C LEU B 214 -21.06 19.98 -3.80
N PRO B 215 -20.34 19.42 -4.79
CA PRO B 215 -20.97 18.75 -5.93
C PRO B 215 -21.56 17.41 -5.51
N GLU B 216 -22.20 16.71 -6.44
CA GLU B 216 -22.82 15.42 -6.16
C GLU B 216 -21.79 14.35 -5.80
N GLY B 217 -22.20 13.40 -4.96
CA GLY B 217 -21.33 12.31 -4.54
C GLY B 217 -21.37 12.07 -3.04
N GLN B 218 -20.34 11.39 -2.55
CA GLN B 218 -20.25 11.05 -1.13
C GLN B 218 -18.86 11.37 -0.60
N PHE B 219 -18.81 12.16 0.47
CA PHE B 219 -17.56 12.73 0.97
C PHE B 219 -17.35 12.41 2.43
N GLU B 220 -16.29 11.65 2.71
CA GLU B 220 -15.94 11.25 4.07
C GLU B 220 -15.16 12.36 4.78
N TYR B 221 -15.50 12.59 6.05
CA TYR B 221 -14.83 13.58 6.88
C TYR B 221 -14.78 13.10 8.33
N LYS B 222 -13.88 13.68 9.10
CA LYS B 222 -13.76 13.34 10.51
C LYS B 222 -13.59 14.61 11.34
N TYR B 223 -14.00 14.57 12.60
CA TYR B 223 -13.88 15.71 13.50
C TYR B 223 -12.56 15.68 14.28
N ILE B 224 -12.04 16.88 14.55
CA ILE B 224 -10.91 17.04 15.45
C ILE B 224 -11.39 17.93 16.58
N ILE B 225 -11.60 17.32 17.75
CA ILE B 225 -12.14 18.01 18.91
C ILE B 225 -11.08 18.19 19.99
N ASP B 226 -10.60 19.43 20.12
CA ASP B 226 -9.50 19.76 21.03
C ASP B 226 -8.27 18.89 20.80
N GLY B 227 -7.96 18.65 19.53
CA GLY B 227 -6.82 17.83 19.14
C GLY B 227 -7.04 16.34 19.34
N GLU B 228 -8.26 15.88 19.04
CA GLU B 228 -8.63 14.48 19.17
C GLU B 228 -9.49 14.03 17.99
N TRP B 229 -8.96 13.11 17.19
CA TRP B 229 -9.66 12.56 16.04
C TRP B 229 -10.84 11.70 16.47
N THR B 230 -12.02 12.00 15.94
CA THR B 230 -13.25 11.31 16.31
C THR B 230 -14.36 11.52 15.29
N HIS B 231 -15.27 10.56 15.21
CA HIS B 231 -16.44 10.68 14.35
C HIS B 231 -17.70 10.98 15.19
N ASN B 232 -18.56 11.82 14.64
CA ASN B 232 -19.82 12.16 15.29
C ASN B 232 -20.82 11.02 15.11
N GLU B 233 -21.39 10.56 16.22
CA GLU B 233 -22.34 9.45 16.20
C GLU B 233 -23.73 9.90 15.76
N ALA B 234 -23.99 11.20 15.91
CA ALA B 234 -25.28 11.79 15.57
C ALA B 234 -25.38 12.13 14.08
N GLU B 235 -24.29 11.94 13.35
CA GLU B 235 -24.26 12.13 11.90
C GLU B 235 -23.94 10.81 11.20
N PRO B 236 -24.43 10.63 9.96
CA PRO B 236 -24.17 9.38 9.23
C PRO B 236 -22.68 9.04 9.18
N PHE B 237 -22.35 7.79 9.46
CA PHE B 237 -20.97 7.32 9.40
C PHE B 237 -20.81 5.98 8.70
N ILE B 238 -19.61 5.73 8.18
CA ILE B 238 -19.32 4.55 7.38
C ILE B 238 -17.98 3.96 7.82
N GLY B 239 -17.83 2.64 7.66
CA GLY B 239 -16.59 1.96 7.98
C GLY B 239 -16.67 0.90 9.06
N PRO B 240 -15.52 0.34 9.49
CA PRO B 240 -14.17 0.70 9.02
C PRO B 240 -13.93 0.40 7.54
N ASN B 241 -13.38 1.38 6.82
CA ASN B 241 -13.10 1.23 5.40
C ASN B 241 -11.82 0.44 5.14
N LYS B 242 -11.38 0.38 3.89
CA LYS B 242 -10.22 -0.42 3.52
C LYS B 242 -8.88 0.18 4.00
N ASP B 243 -8.93 1.45 4.43
CA ASP B 243 -7.80 2.06 5.10
C ASP B 243 -7.89 1.86 6.63
N GLY B 244 -9.02 1.31 7.08
CA GLY B 244 -9.22 0.97 8.49
C GLY B 244 -9.80 2.07 9.35
N HIS B 245 -10.45 3.04 8.72
CA HIS B 245 -11.00 4.19 9.44
C HIS B 245 -12.53 4.22 9.41
N THR B 246 -13.11 4.68 10.51
CA THR B 246 -14.54 4.96 10.57
C THR B 246 -14.71 6.48 10.47
N ASN B 247 -15.32 6.91 9.37
CA ASN B 247 -15.52 8.34 9.10
C ASN B 247 -16.99 8.68 9.01
N ASN B 248 -17.30 9.95 9.23
CA ASN B 248 -18.60 10.51 8.86
C ASN B 248 -18.65 10.72 7.36
N TYR B 249 -19.86 10.79 6.80
CA TYR B 249 -20.01 11.10 5.38
C TYR B 249 -21.20 12.02 5.10
N ALA B 250 -21.02 12.87 4.10
CA ALA B 250 -22.09 13.69 3.56
C ALA B 250 -22.40 13.21 2.15
N LYS B 251 -23.69 13.02 1.87
CA LYS B 251 -24.13 12.58 0.55
C LYS B 251 -24.88 13.70 -0.15
N VAL B 252 -24.54 13.93 -1.42
CA VAL B 252 -25.16 15.00 -2.21
C VAL B 252 -25.82 14.43 -3.46
N VAL B 253 -27.14 14.60 -3.54
CA VAL B 253 -27.93 14.11 -4.68
C VAL B 253 -28.73 15.27 -5.28
N ASP B 254 -28.83 15.30 -6.61
CA ASP B 254 -29.64 16.31 -7.30
C ASP B 254 -31.01 15.76 -7.68
N ASP B 255 -31.05 14.99 -8.76
CA ASP B 255 -32.28 14.35 -9.24
C ASP B 255 -31.93 13.16 -10.14
N PRO B 256 -32.17 11.93 -9.64
CA PRO B 256 -31.87 10.70 -10.40
C PRO B 256 -32.80 10.50 -11.59
N THR B 257 -33.99 11.10 -11.54
CA THR B 257 -34.97 11.03 -12.63
C THR B 257 -34.53 11.84 -13.85
N SER B 258 -33.77 12.91 -13.59
CA SER B 258 -33.25 13.79 -14.64
C SER B 258 -32.31 13.06 -15.60
N VAL B 259 -32.18 13.58 -16.82
CA VAL B 259 -31.34 12.98 -17.86
C VAL B 259 -29.85 12.98 -17.50
N ASP B 260 -29.41 14.04 -16.80
CA ASP B 260 -28.06 14.09 -16.24
C ASP B 260 -27.91 13.14 -15.05
N GLY B 261 -28.99 12.97 -14.30
CA GLY B 261 -29.03 12.05 -13.17
C GLY B 261 -29.06 10.58 -13.58
N THR B 262 -29.65 10.32 -14.75
CA THR B 262 -29.70 8.96 -15.32
C THR B 262 -28.30 8.52 -15.76
N THR B 263 -27.58 9.42 -16.42
CA THR B 263 -26.22 9.13 -16.90
C THR B 263 -25.25 8.92 -15.74
N ARG B 264 -25.47 9.65 -14.65
CA ARG B 264 -24.72 9.46 -13.41
C ARG B 264 -24.87 8.04 -12.86
N GLU B 265 -26.12 7.54 -12.85
CA GLU B 265 -26.41 6.20 -12.33
C GLU B 265 -25.77 5.11 -13.18
N ARG B 266 -25.87 5.24 -14.51
CA ARG B 266 -25.25 4.32 -15.46
C ARG B 266 -23.71 4.32 -15.33
N LEU B 267 -23.14 5.51 -15.13
CA LEU B 267 -21.69 5.67 -15.05
C LEU B 267 -21.12 5.52 -13.64
N SER B 268 -22.00 5.25 -12.67
CA SER B 268 -21.57 4.99 -11.29
C SER B 268 -21.36 3.50 -11.03
N SER B 269 -21.67 2.67 -12.03
CA SER B 269 -21.43 1.23 -11.96
C SER B 269 -19.93 0.94 -11.91
N GLU B 270 -19.57 -0.24 -11.43
CA GLU B 270 -18.16 -0.62 -11.28
C GLU B 270 -17.40 -0.50 -12.61
N ASP B 271 -17.97 -1.07 -13.67
CA ASP B 271 -17.40 -0.92 -15.01
C ASP B 271 -18.35 -0.09 -15.86
N PRO B 272 -18.18 1.24 -15.84
CA PRO B 272 -19.11 2.16 -16.50
C PRO B 272 -19.13 1.93 -18.02
N GLU B 273 -20.28 1.54 -18.55
CA GLU B 273 -20.44 1.37 -19.98
C GLU B 273 -20.64 2.75 -20.64
N LEU B 274 -19.61 3.18 -21.35
CA LEU B 274 -19.56 4.53 -21.90
C LEU B 274 -20.09 4.51 -23.33
N LEU B 275 -21.03 5.41 -23.63
CA LEU B 275 -21.59 5.54 -24.98
C LEU B 275 -20.55 6.14 -25.94
N GLU B 276 -20.69 5.81 -27.22
CA GLU B 276 -19.79 6.31 -28.27
C GLU B 276 -19.82 7.84 -28.34
N GLU B 277 -21.02 8.40 -28.16
CA GLU B 277 -21.21 9.85 -28.11
C GLU B 277 -20.47 10.44 -26.91
N GLU B 278 -20.53 9.73 -25.79
CA GLU B 278 -19.87 10.18 -24.55
C GLU B 278 -18.35 10.14 -24.64
N ARG B 279 -17.82 9.12 -25.31
CA ARG B 279 -16.37 9.01 -25.52
C ARG B 279 -15.83 10.12 -26.41
N SER B 280 -16.64 10.52 -27.39
CA SER B 280 -16.31 11.61 -28.30
C SER B 280 -16.31 12.96 -27.58
N LYS B 281 -17.22 13.12 -26.63
CA LYS B 281 -17.29 14.32 -25.81
C LYS B 281 -16.08 14.45 -24.88
N LEU B 282 -15.60 13.31 -24.37
CA LEU B 282 -14.41 13.29 -23.52
C LEU B 282 -13.20 13.83 -24.27
N ILE B 283 -12.99 13.31 -25.49
CA ILE B 283 -11.88 13.76 -26.35
C ILE B 283 -12.01 15.24 -26.70
N GLN B 284 -13.23 15.69 -26.99
CA GLN B 284 -13.50 17.10 -27.28
C GLN B 284 -13.08 18.00 -26.12
N PHE B 285 -13.30 17.52 -24.90
CA PHE B 285 -12.91 18.25 -23.70
C PHE B 285 -11.39 18.29 -23.53
N LEU B 286 -10.72 17.17 -23.79
CA LEU B 286 -9.27 17.12 -23.67
C LEU B 286 -8.55 18.03 -24.67
N GLU B 287 -9.14 18.22 -25.85
CA GLU B 287 -8.59 19.11 -26.88
C GLU B 287 -8.70 20.58 -26.45
N THR B 288 -9.66 20.86 -25.59
CA THR B 288 -9.85 22.19 -24.97
C THR B 288 -8.72 22.51 -23.98
N CYS B 289 -8.21 21.47 -23.31
CA CYS B 289 -7.20 21.64 -22.27
C CYS B 289 -5.89 22.21 -22.78
N SER B 290 -5.24 23.02 -21.95
CA SER B 290 -4.04 23.74 -22.36
C SER B 290 -2.79 22.86 -22.32
N GLU B 291 -1.96 23.01 -23.34
CA GLU B 291 -0.65 22.37 -23.43
C GLU B 291 0.28 22.98 -22.38
N ALA B 292 1.21 22.17 -21.86
CA ALA B 292 2.16 22.61 -20.85
C ALA B 292 3.22 23.58 -21.40
N GLU B 293 4.23 23.87 -20.58
CA GLU B 293 5.35 24.75 -20.95
C GLU B 293 4.90 26.20 -21.10
P PO4 C . 3.78 -3.40 8.80
O1 PO4 C . 4.09 -2.63 10.06
O2 PO4 C . 2.28 -3.58 8.67
O3 PO4 C . 4.30 -2.65 7.60
O4 PO4 C . 4.44 -4.76 8.84
P PO4 D . 1.17 9.11 -4.08
O1 PO4 D . 2.44 9.90 -4.21
O2 PO4 D . 0.91 8.82 -2.62
O3 PO4 D . 0.01 9.90 -4.63
O4 PO4 D . 1.33 7.82 -4.86
#